data_8ROL
#
_entry.id   8ROL
#
_cell.length_a   201.067
_cell.length_b   201.067
_cell.length_c   92.376
_cell.angle_alpha   90.000
_cell.angle_beta   90.000
_cell.angle_gamma   120.000
#
_symmetry.space_group_name_H-M   'P 64 2 2'
#
loop_
_entity.id
_entity.type
_entity.pdbx_description
1 polymer 'Structural maintenance of chromosomes protein 3'
2 polymer 'Double-strand-break repair protein rad21 homolog'
3 non-polymer 'MAGNESIUM ION'
4 non-polymer 'PHOSPHOTHIOPHOSPHORIC ACID-ADENYLATE ESTER'
#
loop_
_entity_poly.entity_id
_entity_poly.type
_entity_poly.pdbx_seq_one_letter_code
_entity_poly.pdbx_strand_id
1 'polypeptide(L)'
;MYIKQVIIQGFRSYRDQTIVDPFSSKHNVIVGRNGSGKSNFFYAIQFVLSDEFSHLRPEQRLALLHEGTGPRVISAFVEI
IFDNSDNRLPIDKEEVSLRRVIGAKKDQYFLDKKMVTKNDVMNLLESAGFSRSNPYYIVKQGKINQMATAPDSQRLKLLR
EVAGTRVYDERKEESISLMKETEGKREKINELLKYIEERLHTLEEEKEELAGSGSLVPRGSGSYSHVNKKALDQFVNFSE
QKEKLIKRQEELDRGYKSIMELMNVLELRKYEAIQLTFKQVSKNFSEVFQKLVPGGKATLVMKKGDVEGSQSQDEGEGSG
ESERGSGSQSSVPSVDQFTGVGIRVSFTGKQGEMREMQQLSGGQKSLVALALIFAIQKCDPAPFYLFDQIDQALDAQHRK
AVSDMIMELAVHAQFITTTFRPELLESADKFYGVKFRNKVSHIDVITAEMAKDFVEDDTTHG
;
A
2 'polypeptide(L)'
;MFYAHFVLSKRGPLAKIWLAAHWDKKLTKAHVFECNLESSVESIISPKVKMALRTSGHLLLGVVRIYHRKAKYLLADCNE
AFIKIKMAFRPGVVDLPEENREGSLEVLFQ
;
B
#
loop_
_chem_comp.id
_chem_comp.type
_chem_comp.name
_chem_comp.formula
AGS non-polymer 'PHOSPHOTHIOPHOSPHORIC ACID-ADENYLATE ESTER' 'C10 H16 N5 O12 P3 S'
MG non-polymer 'MAGNESIUM ION' 'Mg 2'
#
# COMPACT_ATOMS: atom_id res chain seq x y z
N MET A 1 -3.57 11.27 2.23
CA MET A 1 -4.91 11.61 1.76
C MET A 1 -5.93 10.88 2.58
N TYR A 2 -7.11 11.45 2.70
CA TYR A 2 -8.15 10.87 3.52
C TYR A 2 -9.38 10.62 2.64
N ILE A 3 -10.46 10.16 3.27
CA ILE A 3 -11.71 9.86 2.56
C ILE A 3 -12.62 11.06 2.73
N LYS A 4 -12.80 11.84 1.66
CA LYS A 4 -13.60 13.06 1.78
C LYS A 4 -15.09 12.78 1.68
N GLN A 5 -15.49 11.78 0.90
CA GLN A 5 -16.92 11.55 0.69
C GLN A 5 -17.12 10.21 0.00
N VAL A 6 -18.29 9.60 0.25
CA VAL A 6 -18.64 8.28 -0.28
C VAL A 6 -20.05 8.34 -0.88
N ILE A 7 -20.26 7.60 -1.96
CA ILE A 7 -21.56 7.52 -2.63
C ILE A 7 -21.87 6.05 -2.91
N ILE A 8 -23.11 5.64 -2.62
CA ILE A 8 -23.55 4.24 -2.71
C ILE A 8 -24.88 4.21 -3.47
N GLN A 9 -25.02 3.27 -4.41
CA GLN A 9 -26.33 3.06 -5.05
C GLN A 9 -26.47 1.63 -5.54
N GLY A 10 -27.44 0.90 -4.99
CA GLY A 10 -27.72 -0.45 -5.39
C GLY A 10 -27.01 -1.53 -4.60
N PHE A 11 -26.35 -1.16 -3.51
CA PHE A 11 -25.38 -2.00 -2.82
C PHE A 11 -25.93 -2.38 -1.45
N ARG A 12 -26.36 -3.64 -1.31
CA ARG A 12 -26.84 -4.24 -0.05
C ARG A 12 -28.04 -3.45 0.46
N SER A 13 -28.07 -3.05 1.72
CA SER A 13 -29.22 -2.33 2.24
C SER A 13 -29.41 -0.94 1.63
N TYR A 14 -28.55 -0.51 0.71
CA TYR A 14 -28.58 0.81 0.09
C TYR A 14 -29.15 0.70 -1.33
N ARG A 15 -30.48 0.73 -1.44
CA ARG A 15 -31.12 0.65 -2.75
C ARG A 15 -31.00 1.98 -3.48
N ASP A 16 -31.69 2.99 -2.97
CA ASP A 16 -31.61 4.32 -3.55
C ASP A 16 -30.23 4.93 -3.28
N GLN A 17 -29.81 5.82 -4.16
CA GLN A 17 -28.49 6.41 -4.04
C GLN A 17 -28.40 7.29 -2.80
N THR A 18 -27.35 7.08 -2.00
CA THR A 18 -27.08 7.85 -0.79
C THR A 18 -25.73 8.53 -0.93
N ILE A 19 -25.64 9.78 -0.49
CA ILE A 19 -24.44 10.60 -0.65
C ILE A 19 -24.06 11.10 0.74
N VAL A 20 -23.12 10.42 1.39
CA VAL A 20 -22.77 10.75 2.77
C VAL A 20 -22.16 12.14 2.83
N ASP A 21 -22.63 12.95 3.76
CA ASP A 21 -22.01 14.24 4.04
C ASP A 21 -20.50 14.07 4.18
N PRO A 22 -19.71 15.05 3.77
CA PRO A 22 -18.27 14.83 3.71
C PRO A 22 -17.64 14.71 5.08
N PHE A 23 -16.66 13.81 5.20
CA PHE A 23 -16.16 13.41 6.50
C PHE A 23 -15.22 14.45 7.09
N SER A 24 -15.12 14.41 8.41
CA SER A 24 -14.00 14.98 9.11
C SER A 24 -12.70 14.30 8.67
N SER A 25 -11.61 15.06 8.74
CA SER A 25 -10.30 14.49 8.46
C SER A 25 -9.81 13.64 9.62
N LYS A 26 -10.52 13.64 10.75
CA LYS A 26 -10.11 12.92 11.94
C LYS A 26 -11.11 11.82 12.27
N HIS A 27 -11.67 11.85 13.49
CA HIS A 27 -12.48 10.74 13.99
C HIS A 27 -13.95 10.91 13.60
N ASN A 28 -14.43 10.05 12.72
CA ASN A 28 -15.85 9.95 12.42
C ASN A 28 -16.43 8.73 13.12
N VAL A 29 -17.60 8.90 13.73
CA VAL A 29 -18.23 7.82 14.49
C VAL A 29 -19.68 7.66 14.03
N ILE A 30 -20.04 6.43 13.67
CA ILE A 30 -21.38 6.10 13.18
C ILE A 30 -22.11 5.28 14.24
N VAL A 31 -23.40 5.56 14.42
CA VAL A 31 -24.22 4.84 15.39
C VAL A 31 -25.55 4.49 14.75
N GLY A 32 -26.14 3.39 15.19
CA GLY A 32 -27.36 2.92 14.56
C GLY A 32 -27.82 1.68 15.27
N ARG A 33 -28.99 1.20 14.89
CA ARG A 33 -29.54 0.01 15.55
C ARG A 33 -28.89 -1.25 14.98
N ASN A 34 -29.38 -2.41 15.41
CA ASN A 34 -29.01 -3.66 14.77
C ASN A 34 -29.52 -3.65 13.34
N GLY A 35 -28.88 -4.46 12.51
CA GLY A 35 -29.24 -4.56 11.10
C GLY A 35 -29.58 -3.28 10.37
N SER A 36 -28.99 -2.14 10.79
CA SER A 36 -29.34 -0.81 10.31
C SER A 36 -28.59 -0.41 9.04
N GLY A 37 -27.33 -0.83 8.91
CA GLY A 37 -26.52 -0.53 7.73
C GLY A 37 -25.14 0.01 8.00
N LYS A 38 -24.67 -0.03 9.25
CA LYS A 38 -23.31 0.35 9.56
C LYS A 38 -22.33 -0.57 8.83
N SER A 39 -22.29 -1.84 9.21
CA SER A 39 -21.31 -2.73 8.59
C SER A 39 -21.50 -2.89 7.08
N ASN A 40 -22.66 -2.47 6.55
CA ASN A 40 -22.85 -2.48 5.10
C ASN A 40 -22.06 -1.37 4.43
N PHE A 41 -22.09 -0.18 5.03
CA PHE A 41 -21.26 0.95 4.61
C PHE A 41 -19.78 0.57 4.54
N PHE A 42 -19.22 0.04 5.64
CA PHE A 42 -17.83 -0.40 5.62
C PHE A 42 -17.56 -1.40 4.52
N TYR A 43 -18.55 -2.25 4.21
CA TYR A 43 -18.34 -3.21 3.13
C TYR A 43 -18.24 -2.50 1.78
N ALA A 44 -18.95 -1.38 1.61
CA ALA A 44 -18.90 -0.66 0.33
C ALA A 44 -17.51 -0.10 0.06
N ILE A 45 -16.93 0.59 1.04
CA ILE A 45 -15.54 1.00 0.95
C ILE A 45 -14.68 -0.19 0.52
N GLN A 46 -14.83 -1.31 1.21
CA GLN A 46 -14.01 -2.49 0.94
C GLN A 46 -14.16 -2.95 -0.50
N PHE A 47 -15.38 -2.91 -1.02
CA PHE A 47 -15.65 -3.27 -2.41
C PHE A 47 -14.80 -2.46 -3.38
N VAL A 48 -14.29 -1.30 -2.98
CA VAL A 48 -13.52 -0.44 -3.85
C VAL A 48 -12.02 -0.63 -3.64
N LEU A 49 -11.58 -0.65 -2.38
CA LEU A 49 -10.16 -0.61 -2.03
C LEU A 49 -9.58 -1.97 -1.70
N SER A 50 -10.30 -2.80 -0.95
CA SER A 50 -9.70 -3.99 -0.38
C SER A 50 -9.42 -5.02 -1.47
N ASP A 51 -8.23 -5.62 -1.38
CA ASP A 51 -7.68 -6.42 -2.48
C ASP A 51 -8.45 -7.72 -2.66
N GLU A 52 -8.95 -8.30 -1.58
CA GLU A 52 -9.71 -9.54 -1.65
C GLU A 52 -10.87 -9.42 -2.62
N PHE A 53 -11.65 -8.35 -2.50
CA PHE A 53 -12.84 -8.17 -3.32
C PHE A 53 -12.55 -7.73 -4.75
N SER A 54 -11.28 -7.76 -5.19
CA SER A 54 -10.99 -7.39 -6.56
C SER A 54 -11.50 -8.43 -7.55
N HIS A 55 -11.30 -9.72 -7.25
CA HIS A 55 -11.73 -10.81 -8.11
C HIS A 55 -12.92 -11.50 -7.44
N LEU A 56 -14.11 -11.31 -7.99
CA LEU A 56 -15.35 -11.79 -7.40
C LEU A 56 -15.96 -12.92 -8.23
N ARG A 57 -16.40 -13.98 -7.53
CA ARG A 57 -17.16 -15.06 -8.13
C ARG A 57 -18.51 -14.53 -8.62
N PRO A 58 -19.25 -15.31 -9.43
CA PRO A 58 -20.53 -14.79 -9.92
C PRO A 58 -21.62 -14.74 -8.86
N GLU A 59 -21.46 -15.45 -7.74
CA GLU A 59 -22.43 -15.44 -6.64
C GLU A 59 -22.22 -14.26 -5.70
N GLN A 60 -20.97 -13.89 -5.44
CA GLN A 60 -20.73 -12.67 -4.68
C GLN A 60 -21.21 -11.44 -5.45
N ARG A 61 -21.16 -11.47 -6.79
CA ARG A 61 -21.83 -10.45 -7.60
C ARG A 61 -23.30 -10.32 -7.21
N LEU A 62 -23.97 -11.45 -6.99
CA LEU A 62 -25.39 -11.42 -6.68
C LEU A 62 -25.63 -11.01 -5.23
N ALA A 63 -24.78 -11.46 -4.31
CA ALA A 63 -24.93 -11.12 -2.89
C ALA A 63 -24.55 -9.68 -2.57
N LEU A 64 -24.41 -8.80 -3.57
CA LEU A 64 -24.13 -7.38 -3.38
C LEU A 64 -25.22 -6.48 -3.91
N LEU A 65 -25.94 -6.91 -4.93
CA LEU A 65 -27.06 -6.12 -5.42
C LEU A 65 -28.19 -6.17 -4.39
N HIS A 66 -28.83 -5.02 -4.17
CA HIS A 66 -29.94 -4.93 -3.24
C HIS A 66 -31.01 -5.92 -3.61
N GLU A 67 -31.18 -6.96 -2.80
CA GLU A 67 -32.23 -7.95 -3.00
C GLU A 67 -33.40 -7.56 -2.09
N GLY A 68 -34.57 -7.35 -2.68
CA GLY A 68 -35.72 -6.93 -1.91
C GLY A 68 -37.01 -6.90 -2.70
N THR A 69 -37.91 -6.00 -2.33
CA THR A 69 -39.26 -6.02 -2.87
C THR A 69 -39.28 -5.65 -4.34
N GLY A 70 -38.81 -4.44 -4.68
CA GLY A 70 -39.04 -3.85 -5.98
C GLY A 70 -38.35 -4.50 -7.16
N PRO A 71 -38.02 -3.68 -8.19
CA PRO A 71 -37.34 -4.20 -9.39
C PRO A 71 -35.89 -4.56 -9.12
N ARG A 72 -35.66 -5.83 -8.74
CA ARG A 72 -34.39 -6.28 -8.15
C ARG A 72 -33.21 -5.91 -9.03
N VAL A 73 -32.43 -4.93 -8.57
CA VAL A 73 -31.44 -4.18 -9.33
C VAL A 73 -30.45 -5.11 -10.02
N ILE A 74 -29.90 -4.65 -11.14
CA ILE A 74 -28.93 -5.42 -11.92
C ILE A 74 -27.55 -4.79 -11.93
N SER A 75 -27.40 -3.56 -11.44
CA SER A 75 -26.05 -3.06 -11.25
C SER A 75 -26.02 -2.12 -10.06
N ALA A 76 -24.89 -2.12 -9.36
CA ALA A 76 -24.67 -1.25 -8.21
C ALA A 76 -23.27 -0.65 -8.30
N PHE A 77 -23.10 0.56 -7.75
CA PHE A 77 -21.80 1.20 -7.72
C PHE A 77 -21.54 1.80 -6.34
N VAL A 78 -20.25 2.10 -6.13
CA VAL A 78 -19.74 2.85 -4.99
C VAL A 78 -18.68 3.81 -5.51
N GLU A 79 -18.67 5.04 -4.99
CA GLU A 79 -17.66 6.01 -5.37
C GLU A 79 -17.01 6.59 -4.12
N ILE A 80 -15.72 6.38 -3.98
CA ILE A 80 -14.94 7.07 -2.96
C ILE A 80 -14.34 8.32 -3.60
N ILE A 81 -14.14 9.35 -2.79
CA ILE A 81 -13.55 10.61 -3.23
C ILE A 81 -12.50 11.01 -2.21
N PHE A 82 -11.25 11.02 -2.64
CA PHE A 82 -10.12 11.24 -1.75
C PHE A 82 -9.72 12.70 -1.77
N ASP A 83 -9.45 13.27 -0.60
CA ASP A 83 -8.90 14.62 -0.50
C ASP A 83 -7.42 14.52 -0.76
N ASN A 84 -7.02 14.93 -1.96
CA ASN A 84 -5.64 14.83 -2.38
C ASN A 84 -4.81 16.04 -2.00
N SER A 85 -5.25 16.81 -1.01
CA SER A 85 -4.58 18.07 -0.67
C SER A 85 -3.21 17.84 -0.02
N ASP A 86 -2.63 16.65 -0.25
CA ASP A 86 -1.28 16.33 0.15
C ASP A 86 -0.51 15.75 -1.02
N ASN A 87 -1.14 15.60 -2.18
CA ASN A 87 -0.55 15.03 -3.40
C ASN A 87 0.03 13.64 -3.16
N ARG A 88 -0.43 12.96 -2.12
CA ARG A 88 0.00 11.58 -1.95
C ARG A 88 -0.54 10.69 -3.06
N LEU A 89 -1.66 11.04 -3.67
CA LEU A 89 -2.09 10.35 -4.87
C LEU A 89 -1.41 10.99 -6.08
N PRO A 90 -0.60 10.24 -6.84
CA PRO A 90 0.15 10.86 -7.93
C PRO A 90 -0.74 11.40 -9.04
N ILE A 91 -1.39 12.53 -8.79
CA ILE A 91 -2.35 13.10 -9.73
C ILE A 91 -2.51 14.58 -9.40
N ASP A 92 -2.62 15.39 -10.44
CA ASP A 92 -2.69 16.85 -10.28
C ASP A 92 -4.14 17.32 -10.17
N LYS A 93 -4.89 16.73 -9.26
CA LYS A 93 -6.17 17.25 -8.82
C LYS A 93 -6.16 17.37 -7.29
N GLU A 94 -7.04 18.24 -6.78
CA GLU A 94 -7.22 18.32 -5.33
C GLU A 94 -8.15 17.25 -4.82
N GLU A 95 -8.91 16.61 -5.71
CA GLU A 95 -9.81 15.53 -5.36
C GLU A 95 -9.73 14.45 -6.41
N VAL A 96 -9.65 13.20 -5.97
CA VAL A 96 -9.60 12.03 -6.85
C VAL A 96 -10.87 11.23 -6.66
N SER A 97 -11.49 10.82 -7.77
CA SER A 97 -12.84 10.24 -7.76
C SER A 97 -12.80 8.82 -8.33
N LEU A 98 -12.60 7.84 -7.45
CA LEU A 98 -12.48 6.44 -7.82
C LEU A 98 -13.79 5.73 -7.54
N ARG A 99 -14.36 5.05 -8.57
CA ARG A 99 -15.62 4.34 -8.39
C ARG A 99 -15.57 3.00 -9.12
N ARG A 100 -16.36 2.06 -8.61
CA ARG A 100 -16.47 0.70 -9.14
C ARG A 100 -17.93 0.37 -9.34
N VAL A 101 -18.29 -0.16 -10.52
CA VAL A 101 -19.64 -0.59 -10.81
C VAL A 101 -19.64 -2.08 -11.15
N ILE A 102 -20.74 -2.74 -10.83
CA ILE A 102 -20.82 -4.20 -10.91
C ILE A 102 -22.22 -4.61 -11.31
N GLY A 103 -22.32 -5.66 -12.11
CA GLY A 103 -23.54 -6.37 -12.37
C GLY A 103 -23.22 -7.85 -12.44
N ALA A 104 -24.09 -8.66 -13.02
CA ALA A 104 -23.71 -10.00 -13.42
C ALA A 104 -23.02 -9.92 -14.77
N LYS A 105 -21.79 -10.42 -14.86
CA LYS A 105 -20.95 -10.28 -16.06
C LYS A 105 -20.74 -8.80 -16.41
N LYS A 106 -20.10 -8.09 -15.48
CA LYS A 106 -19.83 -6.65 -15.60
C LYS A 106 -19.07 -6.17 -14.37
N ASP A 107 -17.88 -5.61 -14.57
CA ASP A 107 -17.06 -5.15 -13.45
C ASP A 107 -16.02 -4.17 -14.00
N GLN A 108 -16.13 -2.90 -13.62
CA GLN A 108 -15.26 -1.88 -14.20
C GLN A 108 -15.03 -0.75 -13.19
N TYR A 109 -13.78 -0.28 -13.12
CA TYR A 109 -13.41 0.88 -12.33
C TYR A 109 -13.49 2.16 -13.18
N PHE A 110 -13.40 3.31 -12.51
CA PHE A 110 -13.56 4.63 -13.15
C PHE A 110 -12.70 5.62 -12.36
N LEU A 111 -11.47 5.84 -12.80
CA LEU A 111 -10.61 6.83 -12.16
C LEU A 111 -10.92 8.23 -12.71
N ASP A 112 -11.49 9.08 -11.86
CA ASP A 112 -11.90 10.42 -12.24
C ASP A 112 -12.70 10.42 -13.52
N LYS A 113 -13.61 9.45 -13.64
CA LYS A 113 -14.66 9.32 -14.64
C LYS A 113 -14.18 8.64 -15.92
N LYS A 114 -12.90 8.28 -16.05
CA LYS A 114 -12.42 7.47 -17.17
C LYS A 114 -12.20 6.03 -16.71
N MET A 115 -12.47 5.08 -17.60
CA MET A 115 -12.27 3.68 -17.24
C MET A 115 -10.80 3.39 -16.95
N VAL A 116 -10.55 2.39 -16.11
CA VAL A 116 -9.21 1.86 -15.85
C VAL A 116 -9.33 0.36 -15.59
N THR A 117 -8.17 -0.30 -15.49
CA THR A 117 -8.15 -1.73 -15.16
C THR A 117 -7.99 -1.91 -13.66
N LYS A 118 -8.44 -3.07 -13.17
CA LYS A 118 -8.32 -3.37 -11.74
C LYS A 118 -6.87 -3.32 -11.30
N ASN A 119 -5.93 -3.65 -12.19
CA ASN A 119 -4.51 -3.57 -11.85
C ASN A 119 -4.06 -2.12 -11.74
N ASP A 120 -4.55 -1.26 -12.64
CA ASP A 120 -4.27 0.17 -12.54
C ASP A 120 -4.54 0.70 -11.15
N VAL A 121 -5.73 0.41 -10.63
CA VAL A 121 -6.15 0.93 -9.33
C VAL A 121 -5.20 0.47 -8.24
N MET A 122 -4.93 -0.83 -8.17
CA MET A 122 -4.15 -1.34 -7.06
C MET A 122 -2.75 -0.74 -7.07
N ASN A 123 -2.30 -0.23 -8.23
CA ASN A 123 -1.02 0.46 -8.30
C ASN A 123 -1.14 1.92 -7.88
N LEU A 124 -2.17 2.62 -8.37
CA LEU A 124 -2.43 3.99 -7.91
C LEU A 124 -2.54 4.05 -6.38
N LEU A 125 -3.17 3.03 -5.79
CA LEU A 125 -3.37 3.04 -4.34
C LEU A 125 -2.05 2.75 -3.61
N GLU A 126 -1.33 1.72 -4.06
CA GLU A 126 -0.08 1.32 -3.41
C GLU A 126 0.89 2.50 -3.29
N SER A 127 0.91 3.35 -4.31
CA SER A 127 1.81 4.51 -4.36
C SER A 127 1.29 5.69 -3.57
N ALA A 128 0.09 5.62 -3.03
CA ALA A 128 -0.39 6.61 -2.08
C ALA A 128 -0.07 6.21 -0.65
N GLY A 129 0.56 5.06 -0.46
CA GLY A 129 0.89 4.55 0.84
C GLY A 129 -0.09 3.55 1.39
N PHE A 130 -0.83 2.86 0.52
CA PHE A 130 -2.02 2.09 0.90
C PHE A 130 -1.83 0.66 0.41
N SER A 131 -1.16 -0.16 1.21
CA SER A 131 -0.75 -1.47 0.72
C SER A 131 -1.96 -2.33 0.41
N ARG A 132 -1.84 -3.14 -0.65
CA ARG A 132 -2.64 -4.34 -0.75
C ARG A 132 -2.13 -5.44 0.17
N SER A 133 -0.91 -5.28 0.71
CA SER A 133 -0.35 -6.17 1.72
C SER A 133 -0.86 -5.87 3.13
N ASN A 134 -1.56 -4.75 3.32
CA ASN A 134 -1.96 -4.28 4.64
C ASN A 134 -3.41 -4.63 4.88
N PRO A 135 -3.73 -5.57 5.76
CA PRO A 135 -5.13 -5.88 6.08
C PRO A 135 -5.70 -5.09 7.23
N TYR A 136 -4.91 -4.24 7.88
CA TYR A 136 -5.27 -3.61 9.14
C TYR A 136 -5.78 -2.19 9.00
N TYR A 137 -6.01 -1.71 7.79
CA TYR A 137 -6.71 -0.45 7.69
C TYR A 137 -8.15 -0.60 8.10
N ILE A 138 -8.58 -1.82 8.40
CA ILE A 138 -9.97 -2.14 8.70
C ILE A 138 -10.02 -3.29 9.69
N VAL A 139 -10.70 -3.06 10.81
CA VAL A 139 -10.77 -4.00 11.92
C VAL A 139 -12.24 -4.19 12.22
N LYS A 140 -12.73 -5.42 12.13
CA LYS A 140 -14.06 -5.75 12.62
C LYS A 140 -13.96 -6.61 13.87
N GLN A 141 -15.07 -6.74 14.60
CA GLN A 141 -14.97 -7.52 15.83
C GLN A 141 -14.67 -8.98 15.51
N GLY A 142 -15.06 -9.44 14.33
CA GLY A 142 -14.55 -10.71 13.85
C GLY A 142 -13.07 -10.90 14.13
N LYS A 143 -12.25 -9.90 13.78
CA LYS A 143 -10.80 -10.04 13.92
C LYS A 143 -10.36 -9.86 15.37
N ILE A 144 -11.10 -9.10 16.17
CA ILE A 144 -10.66 -8.95 17.55
C ILE A 144 -10.95 -10.23 18.35
N ASN A 145 -12.13 -10.83 18.12
CA ASN A 145 -12.39 -12.16 18.68
C ASN A 145 -11.33 -13.13 18.21
N GLN A 146 -11.24 -13.30 16.89
CA GLN A 146 -10.31 -14.26 16.31
C GLN A 146 -8.90 -14.06 16.83
N MET A 147 -8.55 -12.83 17.23
CA MET A 147 -7.19 -12.55 17.68
C MET A 147 -7.03 -12.71 19.19
N ALA A 148 -8.11 -12.59 19.96
CA ALA A 148 -7.98 -12.79 21.40
C ALA A 148 -7.93 -14.27 21.73
N THR A 149 -8.69 -15.09 21.00
CA THR A 149 -8.74 -16.52 21.23
C THR A 149 -7.55 -17.25 20.62
N ALA A 150 -7.02 -16.72 19.52
CA ALA A 150 -5.97 -17.32 18.71
C ALA A 150 -4.82 -17.91 19.53
N PRO A 151 -4.25 -19.02 19.08
CA PRO A 151 -3.13 -19.64 19.79
C PRO A 151 -1.80 -18.95 19.51
N ASP A 152 -0.79 -19.37 20.29
CA ASP A 152 0.55 -18.84 20.10
C ASP A 152 1.10 -19.10 18.69
N SER A 153 0.61 -20.13 18.00
CA SER A 153 1.05 -20.37 16.64
C SER A 153 0.48 -19.34 15.67
N GLN A 154 -0.83 -19.11 15.71
CA GLN A 154 -1.46 -18.20 14.76
C GLN A 154 -0.86 -16.80 14.85
N ARG A 155 -0.34 -16.42 16.02
CA ARG A 155 0.28 -15.11 16.13
C ARG A 155 1.65 -15.05 15.46
N LEU A 156 2.42 -16.14 15.47
CA LEU A 156 3.65 -16.15 14.66
C LEU A 156 3.32 -16.14 13.18
N LYS A 157 2.27 -16.85 12.77
CA LYS A 157 1.76 -16.71 11.41
C LYS A 157 1.46 -15.26 11.07
N LEU A 158 1.45 -14.37 12.05
CA LEU A 158 1.14 -12.96 11.84
C LEU A 158 2.39 -12.10 11.68
N LEU A 159 3.49 -12.44 12.37
CA LEU A 159 4.73 -11.70 12.16
C LEU A 159 5.33 -12.01 10.80
N ARG A 160 5.42 -13.30 10.45
CA ARG A 160 5.87 -13.67 9.11
C ARG A 160 5.13 -12.87 8.05
N GLU A 161 3.88 -12.53 8.30
CA GLU A 161 3.12 -11.71 7.37
C GLU A 161 3.44 -10.23 7.49
N VAL A 162 3.85 -9.78 8.67
CA VAL A 162 4.12 -8.35 8.81
C VAL A 162 5.49 -8.00 8.30
N ALA A 163 6.47 -8.89 8.52
CA ALA A 163 7.83 -8.69 7.98
C ALA A 163 7.83 -8.47 6.47
N GLY A 164 6.78 -8.87 5.77
CA GLY A 164 6.65 -8.59 4.35
C GLY A 164 7.57 -9.51 3.62
N THR A 165 8.12 -10.47 4.37
CA THR A 165 9.10 -11.40 3.85
C THR A 165 8.57 -12.20 2.66
N ARG A 166 7.27 -12.15 2.39
CA ARG A 166 6.72 -12.81 1.23
C ARG A 166 6.49 -11.88 0.05
N VAL A 167 6.01 -10.64 0.27
CA VAL A 167 5.87 -9.72 -0.86
C VAL A 167 7.23 -9.31 -1.39
N TYR A 168 8.20 -9.11 -0.49
CA TYR A 168 9.56 -8.83 -0.93
C TYR A 168 10.00 -9.85 -1.97
N ASP A 169 9.82 -11.14 -1.64
CA ASP A 169 10.14 -12.17 -2.61
C ASP A 169 9.29 -12.06 -3.86
N GLU A 170 8.04 -11.62 -3.72
CA GLU A 170 7.20 -11.45 -4.90
C GLU A 170 7.76 -10.35 -5.80
N ARG A 171 8.20 -9.24 -5.21
CA ARG A 171 8.85 -8.18 -5.98
C ARG A 171 10.22 -8.64 -6.45
N LYS A 172 11.04 -9.16 -5.55
CA LYS A 172 12.37 -9.64 -5.91
C LYS A 172 12.33 -10.56 -7.11
N GLU A 173 11.23 -11.26 -7.33
CA GLU A 173 11.14 -12.05 -8.55
C GLU A 173 10.74 -11.18 -9.73
N GLU A 174 9.75 -10.31 -9.52
CA GLU A 174 9.36 -9.36 -10.56
C GLU A 174 10.56 -8.57 -11.06
N SER A 175 11.55 -8.35 -10.18
CA SER A 175 12.77 -7.61 -10.50
C SER A 175 13.73 -8.46 -11.32
N ILE A 176 14.05 -9.68 -10.86
CA ILE A 176 15.04 -10.49 -11.58
C ILE A 176 14.56 -10.85 -12.98
N SER A 177 13.25 -10.78 -13.25
CA SER A 177 12.71 -11.04 -14.58
C SER A 177 13.03 -9.91 -15.55
N LEU A 178 12.73 -8.67 -15.16
CA LEU A 178 13.16 -7.50 -15.91
C LEU A 178 14.66 -7.48 -16.10
N MET A 179 15.40 -7.57 -15.00
CA MET A 179 16.85 -7.66 -14.98
C MET A 179 17.39 -8.58 -16.08
N LYS A 180 16.73 -9.71 -16.32
CA LYS A 180 17.14 -10.57 -17.42
C LYS A 180 16.58 -10.09 -18.77
N GLU A 181 15.29 -9.71 -18.82
CA GLU A 181 14.74 -9.12 -20.03
C GLU A 181 15.57 -7.91 -20.49
N THR A 182 16.12 -7.15 -19.54
CA THR A 182 16.96 -6.01 -19.87
C THR A 182 18.36 -6.46 -20.29
N GLU A 183 18.93 -7.42 -19.57
CA GLU A 183 20.24 -7.99 -19.91
C GLU A 183 20.25 -8.55 -21.32
N GLY A 184 19.10 -8.63 -21.97
CA GLY A 184 19.03 -9.01 -23.36
C GLY A 184 19.36 -7.86 -24.27
N LYS A 185 18.73 -6.71 -23.97
CA LYS A 185 19.05 -5.45 -24.65
C LYS A 185 20.54 -5.14 -24.59
N ARG A 186 21.16 -5.41 -23.44
CA ARG A 186 22.55 -5.01 -23.27
C ARG A 186 23.48 -5.75 -24.22
N GLU A 187 23.15 -6.99 -24.57
CA GLU A 187 24.00 -7.69 -25.53
C GLU A 187 23.68 -7.28 -26.97
N LYS A 188 22.44 -6.88 -27.25
CA LYS A 188 22.16 -6.19 -28.52
C LYS A 188 22.92 -4.88 -28.61
N ILE A 189 22.82 -4.05 -27.57
CA ILE A 189 23.55 -2.78 -27.54
C ILE A 189 25.04 -3.04 -27.71
N ASN A 190 25.61 -3.86 -26.83
CA ASN A 190 27.06 -4.05 -26.83
C ASN A 190 27.53 -4.61 -28.16
N GLU A 191 26.60 -4.97 -29.04
CA GLU A 191 26.92 -5.49 -30.35
C GLU A 191 26.86 -4.44 -31.45
N LEU A 192 25.82 -3.61 -31.49
CA LEU A 192 25.82 -2.49 -32.42
C LEU A 192 26.99 -1.54 -32.18
N LEU A 193 27.39 -1.34 -30.93
CA LEU A 193 28.58 -0.56 -30.62
C LEU A 193 29.86 -1.31 -30.96
N LYS A 194 29.74 -2.48 -31.56
CA LYS A 194 30.87 -3.14 -32.17
C LYS A 194 30.88 -3.00 -33.69
N TYR A 195 29.68 -2.97 -34.32
CA TYR A 195 29.58 -2.62 -35.73
C TYR A 195 29.97 -1.17 -35.96
N ILE A 196 29.25 -0.25 -35.33
CA ILE A 196 29.59 1.16 -35.44
C ILE A 196 31.05 1.41 -35.10
N GLU A 197 31.59 0.67 -34.14
CA GLU A 197 32.98 0.87 -33.76
C GLU A 197 33.92 0.56 -34.92
N GLU A 198 33.71 -0.58 -35.58
CA GLU A 198 34.63 -0.97 -36.65
C GLU A 198 34.28 -0.34 -37.98
N ARG A 199 32.99 -0.12 -38.25
CA ARG A 199 32.64 0.64 -39.45
C ARG A 199 33.24 2.05 -39.40
N LEU A 200 33.31 2.65 -38.21
CA LEU A 200 33.95 3.95 -38.05
C LEU A 200 35.47 3.87 -38.07
N HIS A 201 36.05 2.71 -37.77
CA HIS A 201 37.50 2.59 -37.80
C HIS A 201 38.04 2.49 -39.22
N THR A 202 37.37 1.71 -40.08
CA THR A 202 37.79 1.73 -41.47
C THR A 202 37.48 3.07 -42.12
N LEU A 203 36.36 3.70 -41.76
CA LEU A 203 36.04 5.01 -42.32
C LEU A 203 37.12 6.03 -42.02
N GLU A 204 37.93 5.81 -40.98
CA GLU A 204 39.02 6.70 -40.64
C GLU A 204 40.27 6.40 -41.45
N GLU A 205 40.50 5.12 -41.80
CA GLU A 205 41.64 4.77 -42.63
C GLU A 205 41.40 5.19 -44.08
N GLU A 206 40.17 5.02 -44.57
CA GLU A 206 39.77 5.67 -45.81
C GLU A 206 40.11 7.15 -45.78
N LYS A 207 39.80 7.83 -44.67
CA LYS A 207 40.05 9.27 -44.57
C LYS A 207 41.53 9.61 -44.64
N GLU A 208 42.40 8.70 -44.23
CA GLU A 208 43.82 9.02 -44.10
C GLU A 208 44.61 8.78 -45.37
N GLU A 209 44.28 7.71 -46.10
CA GLU A 209 44.90 7.47 -47.40
C GLU A 209 44.70 8.63 -48.34
N LEU A 210 43.67 9.46 -48.12
CA LEU A 210 43.54 10.75 -48.82
C LEU A 210 44.39 11.81 -48.13
N ALA A 211 45.70 11.58 -48.14
CA ALA A 211 46.71 12.47 -47.60
C ALA A 211 48.07 11.83 -47.89
N ASN A 228 31.03 6.65 -49.57
CA ASN A 228 31.64 7.68 -50.40
C ASN A 228 31.87 8.93 -49.58
N LYS A 229 31.55 10.10 -50.16
CA LYS A 229 32.06 11.39 -49.70
C LYS A 229 31.26 11.95 -48.53
N LYS A 230 29.94 11.93 -48.60
CA LYS A 230 29.15 12.55 -47.54
C LYS A 230 29.29 11.83 -46.20
N ALA A 231 29.69 10.56 -46.22
CA ALA A 231 30.09 9.92 -44.97
C ALA A 231 31.45 10.43 -44.50
N LEU A 232 32.35 10.74 -45.44
CA LEU A 232 33.67 11.22 -45.05
C LEU A 232 33.61 12.62 -44.46
N ASP A 233 32.65 13.45 -44.89
CA ASP A 233 32.52 14.81 -44.38
C ASP A 233 32.23 14.81 -42.88
N GLN A 234 31.15 14.14 -42.48
CA GLN A 234 30.75 14.09 -41.08
C GLN A 234 31.18 12.81 -40.39
N PHE A 235 32.36 12.30 -40.70
CA PHE A 235 32.94 11.24 -39.89
C PHE A 235 33.11 11.68 -38.44
N VAL A 236 33.69 12.86 -38.23
CA VAL A 236 33.93 13.32 -36.87
C VAL A 236 32.63 13.48 -36.10
N ASN A 237 31.49 13.61 -36.79
CA ASN A 237 30.19 13.64 -36.13
C ASN A 237 29.79 12.24 -35.67
N PHE A 238 29.85 11.28 -36.58
CA PHE A 238 29.68 9.89 -36.22
C PHE A 238 30.61 9.51 -35.08
N SER A 239 31.89 9.84 -35.19
CA SER A 239 32.81 9.60 -34.09
C SER A 239 32.27 10.21 -32.80
N GLU A 240 31.78 11.45 -32.88
CA GLU A 240 31.37 12.18 -31.68
C GLU A 240 30.09 11.61 -31.11
N GLN A 241 29.14 11.24 -31.97
CA GLN A 241 27.89 10.64 -31.51
C GLN A 241 28.11 9.26 -30.91
N LYS A 242 29.03 8.49 -31.50
CA LYS A 242 29.33 7.16 -30.98
C LYS A 242 29.88 7.20 -29.57
N GLU A 243 30.93 8.01 -29.33
CA GLU A 243 31.52 8.07 -27.99
C GLU A 243 30.55 8.58 -26.95
N LYS A 244 29.42 9.18 -27.38
CA LYS A 244 28.37 9.57 -26.44
C LYS A 244 27.55 8.36 -26.00
N LEU A 245 27.26 7.44 -26.94
CA LEU A 245 26.63 6.17 -26.60
C LEU A 245 27.54 5.33 -25.72
N ILE A 246 28.80 5.17 -26.10
CA ILE A 246 29.76 4.46 -25.26
C ILE A 246 29.66 4.93 -23.83
N LYS A 247 29.46 6.24 -23.63
CA LYS A 247 29.28 6.77 -22.29
C LYS A 247 28.04 6.18 -21.62
N ARG A 248 26.95 6.03 -22.38
CA ARG A 248 25.69 5.58 -21.81
C ARG A 248 25.72 4.10 -21.49
N GLN A 249 26.36 3.31 -22.34
CA GLN A 249 26.53 1.90 -22.02
C GLN A 249 27.40 1.74 -20.78
N GLU A 250 28.42 2.57 -20.63
CA GLU A 250 29.23 2.52 -19.40
C GLU A 250 28.41 2.95 -18.21
N GLU A 251 27.33 3.70 -18.42
CA GLU A 251 26.41 4.01 -17.34
C GLU A 251 25.67 2.76 -16.92
N LEU A 252 25.00 2.10 -17.87
CA LEU A 252 24.36 0.81 -17.64
C LEU A 252 25.32 -0.18 -16.99
N ASP A 253 26.39 -0.54 -17.69
CA ASP A 253 27.38 -1.50 -17.20
C ASP A 253 27.80 -1.25 -15.75
N ARG A 254 27.45 -0.08 -15.23
CA ARG A 254 27.84 0.44 -13.92
C ARG A 254 26.67 0.50 -12.95
N GLY A 255 25.47 0.83 -13.46
CA GLY A 255 24.26 0.68 -12.67
C GLY A 255 23.86 -0.76 -12.47
N TYR A 256 24.08 -1.62 -13.49
CA TYR A 256 23.90 -3.04 -13.28
C TYR A 256 24.71 -3.49 -12.07
N LYS A 257 26.03 -3.29 -12.09
CA LYS A 257 26.84 -3.74 -10.97
C LYS A 257 26.31 -3.17 -9.66
N SER A 258 25.64 -2.01 -9.73
CA SER A 258 25.11 -1.33 -8.55
C SER A 258 23.85 -2.01 -8.03
N ILE A 259 22.89 -2.29 -8.92
CA ILE A 259 21.70 -3.07 -8.57
C ILE A 259 22.07 -4.42 -7.96
N MET A 260 23.21 -4.98 -8.34
CA MET A 260 23.64 -6.25 -7.76
C MET A 260 24.10 -6.09 -6.33
N GLU A 261 24.79 -5.00 -6.02
CA GLU A 261 25.11 -4.70 -4.63
C GLU A 261 23.83 -4.58 -3.82
N LEU A 262 22.79 -3.98 -4.40
CA LEU A 262 21.53 -3.81 -3.69
C LEU A 262 20.88 -5.16 -3.42
N MET A 263 20.66 -5.96 -4.48
CA MET A 263 20.00 -7.25 -4.34
C MET A 263 20.69 -8.11 -3.29
N ASN A 264 22.02 -8.05 -3.27
CA ASN A 264 22.82 -8.77 -2.30
C ASN A 264 22.48 -8.35 -0.88
N VAL A 265 22.38 -7.06 -0.64
CA VAL A 265 22.18 -6.58 0.71
C VAL A 265 20.76 -6.83 1.19
N LEU A 266 19.79 -6.89 0.26
CA LEU A 266 18.41 -7.13 0.67
C LEU A 266 18.19 -8.61 1.05
N GLU A 267 18.79 -9.55 0.32
CA GLU A 267 18.70 -10.95 0.75
C GLU A 267 19.34 -11.17 2.11
N LEU A 268 20.37 -10.38 2.45
CA LEU A 268 20.92 -10.47 3.80
C LEU A 268 19.91 -9.99 4.83
N ARG A 269 19.04 -9.06 4.44
CA ARG A 269 18.14 -8.39 5.36
C ARG A 269 16.78 -9.06 5.42
N LYS A 270 16.43 -9.83 4.39
CA LYS A 270 15.27 -10.71 4.48
C LYS A 270 15.50 -11.77 5.56
N TYR A 271 16.71 -12.28 5.67
CA TYR A 271 16.98 -13.24 6.74
C TYR A 271 17.14 -12.58 8.10
N GLU A 272 16.95 -11.27 8.19
CA GLU A 272 16.83 -10.60 9.48
C GLU A 272 15.46 -9.98 9.65
N ALA A 273 14.56 -10.20 8.68
CA ALA A 273 13.25 -9.55 8.69
C ALA A 273 12.44 -9.97 9.91
N ILE A 274 12.28 -11.28 10.10
CA ILE A 274 11.36 -11.78 11.12
C ILE A 274 11.86 -11.38 12.51
N GLN A 275 13.14 -11.65 12.82
CA GLN A 275 13.69 -11.23 14.11
C GLN A 275 13.59 -9.72 14.29
N LEU A 276 13.53 -8.98 13.20
CA LEU A 276 13.50 -7.52 13.26
C LEU A 276 12.11 -7.02 13.59
N THR A 277 11.11 -7.42 12.80
CA THR A 277 9.78 -6.92 13.08
C THR A 277 9.27 -7.40 14.42
N PHE A 278 9.83 -8.49 14.95
CA PHE A 278 9.46 -8.89 16.30
C PHE A 278 9.85 -7.82 17.30
N LYS A 279 11.11 -7.40 17.29
CA LYS A 279 11.58 -6.50 18.33
C LYS A 279 10.85 -5.16 18.27
N GLN A 280 10.54 -4.68 17.05
CA GLN A 280 9.82 -3.42 16.91
C GLN A 280 8.42 -3.55 17.48
N VAL A 281 7.70 -4.59 17.06
CA VAL A 281 6.31 -4.79 17.45
C VAL A 281 6.20 -5.15 18.93
N SER A 282 7.14 -5.96 19.45
CA SER A 282 7.21 -6.14 20.89
C SER A 282 7.33 -4.79 21.60
N LYS A 283 8.25 -3.93 21.13
CA LYS A 283 8.44 -2.64 21.78
C LYS A 283 7.17 -1.78 21.67
N ASN A 284 6.61 -1.71 20.47
CA ASN A 284 5.33 -1.03 20.26
C ASN A 284 4.22 -1.63 21.12
N PHE A 285 4.20 -2.96 21.21
CA PHE A 285 3.18 -3.60 22.02
C PHE A 285 3.17 -3.03 23.43
N SER A 286 4.28 -3.19 24.15
CA SER A 286 4.34 -2.70 25.52
C SER A 286 4.02 -1.22 25.62
N GLU A 287 4.28 -0.46 24.56
CA GLU A 287 3.96 0.96 24.58
C GLU A 287 2.47 1.17 24.59
N VAL A 288 1.78 0.60 23.59
CA VAL A 288 0.34 0.78 23.46
C VAL A 288 -0.38 0.31 24.71
N PHE A 289 0.08 -0.79 25.29
CA PHE A 289 -0.60 -1.32 26.47
C PHE A 289 -0.41 -0.40 27.67
N GLN A 290 0.80 0.10 27.89
CA GLN A 290 1.06 0.86 29.09
C GLN A 290 0.30 2.19 29.13
N LYS A 291 -0.26 2.63 28.00
CA LYS A 291 -1.09 3.82 27.99
C LYS A 291 -2.58 3.52 27.84
N LEU A 292 -2.93 2.35 27.29
CA LEU A 292 -4.30 1.85 27.39
C LEU A 292 -4.65 1.49 28.84
N VAL A 293 -3.72 0.85 29.54
CA VAL A 293 -3.90 0.36 30.90
C VAL A 293 -2.83 1.02 31.75
N PRO A 294 -2.88 2.33 31.95
CA PRO A 294 -1.79 3.00 32.69
C PRO A 294 -1.55 2.29 34.01
N GLY A 295 -0.29 1.95 34.24
CA GLY A 295 0.11 1.10 35.34
C GLY A 295 0.50 -0.28 34.91
N GLY A 296 0.10 -0.70 33.70
CA GLY A 296 0.19 -2.08 33.30
C GLY A 296 1.54 -2.50 32.79
N LYS A 297 1.63 -3.76 32.35
CA LYS A 297 2.86 -4.32 31.82
C LYS A 297 2.51 -5.52 30.94
N ALA A 298 2.80 -5.42 29.63
CA ALA A 298 2.55 -6.49 28.67
C ALA A 298 3.77 -6.67 27.76
N THR A 299 3.94 -7.89 27.23
CA THR A 299 5.14 -8.25 26.46
C THR A 299 4.87 -9.44 25.54
N LEU A 300 5.61 -9.51 24.43
CA LEU A 300 5.53 -10.68 23.55
C LEU A 300 6.71 -11.61 23.80
N VAL A 301 6.44 -12.91 23.74
CA VAL A 301 7.44 -13.94 24.00
C VAL A 301 7.56 -14.83 22.78
N MET A 302 8.74 -14.88 22.20
CA MET A 302 9.02 -15.79 21.10
C MET A 302 9.30 -17.17 21.69
N LYS A 303 8.77 -18.22 21.05
CA LYS A 303 8.75 -19.54 21.67
C LYS A 303 9.05 -20.65 20.66
N LYS A 304 9.63 -21.73 21.16
CA LYS A 304 9.87 -22.96 20.39
C LYS A 304 9.01 -24.12 20.93
N VAL A 335 11.68 -22.28 7.31
CA VAL A 335 11.22 -21.70 8.56
C VAL A 335 12.38 -21.57 9.55
N ASP A 336 12.10 -21.88 10.81
CA ASP A 336 13.10 -21.78 11.88
C ASP A 336 12.62 -22.69 13.03
N GLN A 337 13.21 -22.51 14.21
CA GLN A 337 12.72 -23.16 15.42
C GLN A 337 11.66 -22.31 16.15
N PHE A 338 11.23 -21.22 15.52
CA PHE A 338 10.11 -20.43 16.02
C PHE A 338 8.82 -21.22 15.87
N THR A 339 8.19 -21.60 16.99
CA THR A 339 6.88 -22.22 16.89
C THR A 339 5.71 -21.27 17.22
N GLY A 340 5.91 -20.30 18.11
CA GLY A 340 4.83 -19.37 18.38
C GLY A 340 5.27 -18.07 19.02
N VAL A 341 4.32 -17.14 19.10
CA VAL A 341 4.51 -15.84 19.75
C VAL A 341 3.39 -15.70 20.77
N GLY A 342 3.73 -15.82 22.06
CA GLY A 342 2.77 -15.71 23.12
C GLY A 342 2.89 -14.39 23.86
N ILE A 343 1.85 -14.08 24.61
CA ILE A 343 1.71 -12.81 25.31
C ILE A 343 1.71 -13.06 26.81
N ARG A 344 2.29 -12.14 27.55
CA ARG A 344 2.35 -12.22 29.00
C ARG A 344 1.93 -10.86 29.54
N VAL A 345 0.72 -10.80 30.08
CA VAL A 345 0.15 -9.54 30.52
C VAL A 345 0.07 -9.54 32.04
N SER A 346 0.29 -8.35 32.62
CA SER A 346 0.08 -8.08 34.04
C SER A 346 -0.68 -6.78 34.09
N PHE A 347 -2.02 -6.84 34.05
CA PHE A 347 -2.80 -5.65 34.33
C PHE A 347 -2.46 -5.13 35.72
N THR A 348 -2.44 -6.04 36.70
CA THR A 348 -2.33 -5.77 38.13
C THR A 348 -1.02 -5.10 38.46
N GLY A 349 -0.87 -3.84 38.08
CA GLY A 349 0.43 -3.22 38.19
C GLY A 349 1.41 -3.99 37.34
N LYS A 350 2.40 -4.63 37.97
CA LYS A 350 3.31 -5.53 37.25
C LYS A 350 3.94 -6.45 38.30
N GLN A 351 3.35 -7.62 38.49
CA GLN A 351 3.84 -8.41 39.61
C GLN A 351 4.07 -9.87 39.24
N GLY A 352 4.00 -10.75 40.24
CA GLY A 352 3.86 -12.17 40.02
C GLY A 352 2.40 -12.48 39.78
N GLU A 353 1.72 -11.50 39.17
CA GLU A 353 0.38 -11.65 38.62
C GLU A 353 0.37 -11.48 37.10
N MET A 354 1.53 -11.66 36.47
CA MET A 354 1.57 -11.93 35.05
C MET A 354 0.78 -13.19 34.75
N ARG A 355 0.02 -13.15 33.66
CA ARG A 355 -0.76 -14.29 33.20
C ARG A 355 -0.44 -14.53 31.74
N GLU A 356 -0.17 -15.78 31.37
CA GLU A 356 -0.19 -16.07 29.94
C GLU A 356 -1.60 -15.77 29.42
N MET A 357 -1.72 -15.59 28.12
CA MET A 357 -2.81 -14.75 27.64
C MET A 357 -4.16 -15.47 27.66
N GLN A 358 -4.17 -16.79 27.43
CA GLN A 358 -5.44 -17.52 27.47
C GLN A 358 -5.98 -17.62 28.90
N GLN A 359 -5.14 -17.41 29.92
CA GLN A 359 -5.59 -17.29 31.30
C GLN A 359 -6.07 -15.88 31.65
N LEU A 360 -6.13 -14.97 30.68
CA LEU A 360 -6.68 -13.65 30.98
C LEU A 360 -8.18 -13.69 30.91
N SER A 361 -8.82 -12.64 31.43
CA SER A 361 -10.27 -12.49 31.28
C SER A 361 -10.72 -12.44 29.82
N GLY A 362 -12.01 -12.27 29.60
CA GLY A 362 -12.50 -12.37 28.25
C GLY A 362 -12.40 -11.07 27.49
N GLY A 363 -12.63 -9.97 28.20
CA GLY A 363 -12.40 -8.65 27.64
C GLY A 363 -10.98 -8.18 27.85
N GLN A 364 -10.30 -8.71 28.85
CA GLN A 364 -8.87 -8.49 28.91
C GLN A 364 -8.17 -9.01 27.65
N LYS A 365 -8.61 -10.18 27.17
CA LYS A 365 -8.12 -10.66 25.89
C LYS A 365 -8.57 -9.75 24.75
N SER A 366 -9.75 -9.14 24.85
CA SER A 366 -10.17 -8.23 23.80
C SER A 366 -9.23 -7.03 23.73
N LEU A 367 -8.98 -6.39 24.89
CA LEU A 367 -8.08 -5.24 24.95
C LEU A 367 -6.70 -5.56 24.42
N VAL A 368 -6.10 -6.66 24.88
CA VAL A 368 -4.75 -7.00 24.44
C VAL A 368 -4.71 -7.25 22.94
N ALA A 369 -5.70 -7.95 22.40
CA ALA A 369 -5.81 -8.05 20.94
C ALA A 369 -5.87 -6.66 20.31
N LEU A 370 -6.57 -5.72 20.93
CA LEU A 370 -6.63 -4.37 20.38
C LEU A 370 -5.29 -3.68 20.50
N ALA A 371 -4.59 -3.89 21.62
CA ALA A 371 -3.25 -3.34 21.76
C ALA A 371 -2.33 -3.85 20.66
N LEU A 372 -2.39 -5.15 20.36
CA LEU A 372 -1.56 -5.72 19.31
C LEU A 372 -1.88 -5.10 17.96
N ILE A 373 -3.17 -4.90 17.68
CA ILE A 373 -3.51 -4.27 16.41
C ILE A 373 -3.01 -2.84 16.37
N PHE A 374 -3.00 -2.14 17.50
CA PHE A 374 -2.45 -0.79 17.50
C PHE A 374 -0.95 -0.80 17.27
N ALA A 375 -0.24 -1.73 17.94
CA ALA A 375 1.23 -1.77 17.82
C ALA A 375 1.66 -2.12 16.41
N ILE A 376 0.86 -2.91 15.70
CA ILE A 376 1.22 -3.30 14.34
C ILE A 376 0.96 -2.17 13.37
N GLN A 377 -0.12 -1.43 13.55
CA GLN A 377 -0.37 -0.31 12.67
C GLN A 377 0.72 0.77 12.82
N LYS A 378 1.24 0.97 14.04
CA LYS A 378 2.38 1.87 14.22
C LYS A 378 3.54 1.45 13.34
N CYS A 379 3.72 0.15 13.15
CA CYS A 379 4.79 -0.44 12.37
C CYS A 379 4.51 -0.39 10.87
N ASP A 380 3.46 0.31 10.45
CA ASP A 380 3.02 0.29 9.05
C ASP A 380 1.84 1.22 8.81
N PRO A 381 1.94 2.52 9.14
CA PRO A 381 0.76 3.37 9.13
C PRO A 381 0.02 3.37 7.80
N ALA A 382 -1.29 3.58 7.90
CA ALA A 382 -2.18 3.80 6.77
C ALA A 382 -2.77 5.21 6.89
N PRO A 383 -3.33 5.74 5.80
CA PRO A 383 -3.88 7.10 5.87
C PRO A 383 -5.19 7.19 6.63
N PHE A 384 -6.03 6.17 6.57
CA PHE A 384 -7.31 6.13 7.26
C PHE A 384 -7.57 4.70 7.71
N TYR A 385 -8.28 4.57 8.84
CA TYR A 385 -8.61 3.30 9.45
C TYR A 385 -10.13 3.16 9.64
N LEU A 386 -10.65 1.98 9.35
CA LEU A 386 -12.05 1.65 9.59
C LEU A 386 -12.17 0.68 10.75
N PHE A 387 -12.92 1.06 11.79
CA PHE A 387 -13.19 0.22 12.96
C PHE A 387 -14.67 -0.08 13.10
N ASP A 388 -15.01 -1.36 13.22
CA ASP A 388 -16.39 -1.86 13.25
C ASP A 388 -16.69 -2.56 14.58
N GLN A 389 -17.16 -1.81 15.57
CA GLN A 389 -17.52 -2.34 16.89
C GLN A 389 -16.31 -2.98 17.58
N ILE A 390 -15.39 -2.15 18.04
CA ILE A 390 -14.20 -2.71 18.66
C ILE A 390 -14.33 -2.79 20.18
N ASP A 391 -15.10 -1.88 20.80
CA ASP A 391 -15.22 -1.82 22.25
C ASP A 391 -16.28 -2.78 22.81
N GLN A 392 -16.81 -3.67 21.94
CA GLN A 392 -18.00 -4.44 22.24
C GLN A 392 -17.86 -5.33 23.47
N ALA A 393 -16.65 -5.70 23.85
CA ALA A 393 -16.43 -6.61 24.96
C ALA A 393 -15.77 -5.96 26.16
N LEU A 394 -15.39 -4.70 26.06
CA LEU A 394 -14.67 -4.00 27.12
C LEU A 394 -15.68 -3.24 27.97
N ASP A 395 -15.29 -2.99 29.23
CA ASP A 395 -16.21 -2.36 30.16
C ASP A 395 -16.38 -0.89 29.80
N ALA A 396 -16.51 -0.02 30.79
CA ALA A 396 -16.59 1.40 30.51
C ALA A 396 -15.26 2.11 30.72
N GLN A 397 -14.39 1.57 31.56
CA GLN A 397 -13.09 2.16 31.78
C GLN A 397 -12.14 1.87 30.62
N HIS A 398 -12.03 0.60 30.22
CA HIS A 398 -11.26 0.27 29.02
C HIS A 398 -11.91 0.83 27.76
N ARG A 399 -13.22 1.09 27.78
CA ARG A 399 -13.82 1.77 26.65
C ARG A 399 -13.25 3.18 26.50
N LYS A 400 -13.17 3.93 27.60
CA LYS A 400 -12.58 5.26 27.58
C LYS A 400 -11.14 5.20 27.08
N ALA A 401 -10.31 4.36 27.71
CA ALA A 401 -8.88 4.31 27.39
C ALA A 401 -8.63 4.04 25.91
N VAL A 402 -9.51 3.28 25.27
CA VAL A 402 -9.42 3.10 23.82
C VAL A 402 -9.88 4.36 23.11
N SER A 403 -10.92 5.02 23.62
CA SER A 403 -11.37 6.26 22.99
C SER A 403 -10.33 7.35 23.13
N ASP A 404 -9.72 7.46 24.30
CA ASP A 404 -8.59 8.36 24.48
C ASP A 404 -7.50 8.07 23.46
N MET A 405 -7.02 6.83 23.43
CA MET A 405 -5.90 6.54 22.56
C MET A 405 -6.25 6.66 21.08
N ILE A 406 -7.52 6.80 20.73
CA ILE A 406 -7.86 7.09 19.35
C ILE A 406 -7.87 8.59 19.12
N MET A 407 -8.23 9.37 20.14
CA MET A 407 -8.10 10.82 20.03
C MET A 407 -6.68 11.24 19.71
N GLU A 408 -5.69 10.46 20.19
CA GLU A 408 -4.30 10.74 19.85
C GLU A 408 -4.00 10.40 18.41
N LEU A 409 -4.40 9.21 17.97
CA LEU A 409 -4.08 8.81 16.61
C LEU A 409 -4.91 9.59 15.58
N ALA A 410 -5.93 10.34 16.01
CA ALA A 410 -6.79 11.04 15.05
C ALA A 410 -6.10 12.26 14.46
N VAL A 411 -5.17 12.85 15.20
CA VAL A 411 -4.46 14.01 14.67
C VAL A 411 -3.72 13.67 13.39
N HIS A 412 -3.26 12.40 13.25
CA HIS A 412 -2.35 11.97 12.19
C HIS A 412 -2.98 11.06 11.13
N ALA A 413 -4.15 10.50 11.38
CA ALA A 413 -4.83 9.71 10.37
C ALA A 413 -6.33 9.86 10.55
N GLN A 414 -7.09 9.43 9.54
CA GLN A 414 -8.54 9.46 9.59
C GLN A 414 -9.06 8.20 10.24
N PHE A 415 -10.14 8.33 11.02
CA PHE A 415 -10.85 7.17 11.55
C PHE A 415 -12.33 7.29 11.23
N ILE A 416 -12.92 6.16 10.83
CA ILE A 416 -14.36 5.99 10.78
C ILE A 416 -14.71 4.75 11.61
N THR A 417 -15.59 4.92 12.60
CA THR A 417 -15.87 3.85 13.55
C THR A 417 -17.35 3.80 13.87
N THR A 418 -17.77 2.68 14.47
CA THR A 418 -19.13 2.45 14.96
C THR A 418 -19.08 1.93 16.37
N THR A 419 -20.00 2.42 17.20
CA THR A 419 -20.01 2.08 18.61
C THR A 419 -21.45 1.90 19.05
N PHE A 420 -21.61 1.40 20.28
CA PHE A 420 -22.91 1.34 20.94
C PHE A 420 -22.92 2.04 22.28
N ARG A 421 -21.80 2.63 22.68
CA ARG A 421 -21.62 3.24 23.99
C ARG A 421 -20.97 4.61 23.84
N PRO A 422 -21.26 5.54 24.76
CA PRO A 422 -20.90 6.94 24.55
C PRO A 422 -19.43 7.30 24.73
N GLU A 423 -18.49 6.35 24.89
CA GLU A 423 -17.12 6.79 25.14
C GLU A 423 -16.35 7.05 23.85
N LEU A 424 -16.56 6.26 22.79
CA LEU A 424 -15.91 6.58 21.52
C LEU A 424 -16.62 7.74 20.85
N LEU A 425 -17.43 8.48 21.61
CA LEU A 425 -18.14 9.64 21.12
C LEU A 425 -17.54 10.94 21.61
N GLU A 426 -16.77 10.93 22.69
CA GLU A 426 -16.14 12.18 23.09
C GLU A 426 -14.90 12.46 22.24
N SER A 427 -14.13 11.43 21.91
CA SER A 427 -12.97 11.62 21.04
C SER A 427 -13.34 12.07 19.64
N ALA A 428 -14.62 12.10 19.29
CA ALA A 428 -15.03 12.24 17.91
C ALA A 428 -15.23 13.69 17.51
N ASP A 429 -15.24 13.90 16.20
CA ASP A 429 -15.28 15.20 15.58
C ASP A 429 -16.49 15.38 14.67
N LYS A 430 -17.02 14.31 14.08
CA LYS A 430 -18.28 14.34 13.34
C LYS A 430 -19.07 13.07 13.65
N PHE A 431 -20.41 13.16 13.61
CA PHE A 431 -21.30 12.07 14.02
C PHE A 431 -22.36 11.79 12.98
N TYR A 432 -22.54 10.50 12.67
CA TYR A 432 -23.57 10.03 11.75
C TYR A 432 -24.49 9.00 12.41
N GLY A 433 -25.73 8.95 11.96
CA GLY A 433 -26.63 7.87 12.29
C GLY A 433 -27.06 7.07 11.07
N VAL A 434 -27.30 5.78 11.28
CA VAL A 434 -27.90 4.92 10.26
C VAL A 434 -29.28 4.51 10.76
N LYS A 435 -30.31 4.99 10.07
CA LYS A 435 -31.67 4.48 10.19
C LYS A 435 -31.95 3.49 9.06
N PHE A 436 -32.92 2.61 9.31
CA PHE A 436 -33.52 1.76 8.30
C PHE A 436 -34.97 2.20 8.18
N ARG A 437 -35.33 2.71 7.00
CA ARG A 437 -36.64 3.30 6.76
C ARG A 437 -37.10 2.89 5.36
N ASN A 438 -38.08 2.00 5.30
CA ASN A 438 -38.70 1.58 4.04
C ASN A 438 -37.80 0.71 3.20
N LYS A 439 -37.42 -0.48 3.69
CA LYS A 439 -36.68 -1.51 2.95
C LYS A 439 -35.24 -1.12 2.64
N VAL A 440 -34.78 0.05 3.10
CA VAL A 440 -33.52 0.66 2.66
C VAL A 440 -32.84 1.32 3.86
N SER A 441 -31.60 1.74 3.63
CA SER A 441 -30.76 2.34 4.66
C SER A 441 -30.57 3.82 4.40
N HIS A 442 -30.61 4.62 5.46
CA HIS A 442 -30.36 6.04 5.39
C HIS A 442 -29.28 6.41 6.38
N ILE A 443 -28.33 7.23 5.94
CA ILE A 443 -27.28 7.66 6.84
C ILE A 443 -27.17 9.17 6.73
N ASP A 444 -27.30 9.85 7.86
CA ASP A 444 -27.41 11.31 7.94
C ASP A 444 -26.62 11.83 9.13
N VAL A 445 -26.33 13.12 9.12
CA VAL A 445 -25.49 13.71 10.15
C VAL A 445 -26.33 14.00 11.39
N ILE A 446 -25.83 13.61 12.55
CA ILE A 446 -26.49 13.90 13.81
C ILE A 446 -25.54 14.70 14.69
N THR A 447 -26.12 15.49 15.59
CA THR A 447 -25.37 16.24 16.59
C THR A 447 -24.75 15.26 17.59
N ALA A 448 -23.91 15.78 18.48
CA ALA A 448 -23.22 14.88 19.41
C ALA A 448 -24.15 14.40 20.52
N GLU A 449 -25.20 15.17 20.82
CA GLU A 449 -26.17 14.74 21.80
C GLU A 449 -27.19 13.78 21.20
N MET A 450 -27.50 13.93 19.92
CA MET A 450 -28.33 12.95 19.23
C MET A 450 -27.72 11.56 19.31
N ALA A 451 -26.39 11.49 19.33
CA ALA A 451 -25.67 10.23 19.38
C ALA A 451 -25.62 9.66 20.79
N LYS A 452 -25.44 10.53 21.80
CA LYS A 452 -25.43 10.06 23.18
C LYS A 452 -26.83 9.65 23.64
N ASP A 453 -27.85 10.42 23.24
CA ASP A 453 -29.22 10.05 23.53
C ASP A 453 -29.58 8.73 22.87
N PHE A 454 -28.86 8.34 21.84
CA PHE A 454 -29.14 7.06 21.19
C PHE A 454 -28.45 5.89 21.89
N VAL A 455 -27.33 6.11 22.59
CA VAL A 455 -26.61 4.99 23.17
C VAL A 455 -26.73 4.98 24.69
N GLU A 456 -27.65 5.75 25.28
CA GLU A 456 -27.82 5.77 26.71
C GLU A 456 -29.26 5.60 27.19
N ASP A 457 -30.26 5.77 26.31
CA ASP A 457 -31.68 5.76 26.67
C ASP A 457 -32.09 4.64 27.65
N GLY B 12 12.86 13.16 -1.14
CA GLY B 12 14.18 12.92 -1.70
C GLY B 12 14.14 12.39 -3.12
N PRO B 13 15.15 11.60 -3.50
CA PRO B 13 15.08 10.90 -4.81
C PRO B 13 14.22 9.66 -4.77
N LEU B 14 14.01 9.08 -3.58
CA LEU B 14 13.20 7.86 -3.47
C LEU B 14 11.78 8.08 -3.95
N ALA B 15 11.31 9.32 -3.91
CA ALA B 15 9.98 9.62 -4.43
C ALA B 15 9.91 9.27 -5.91
N LYS B 16 10.99 9.50 -6.65
CA LYS B 16 11.00 9.14 -8.07
C LYS B 16 11.01 7.63 -8.25
N ILE B 17 11.88 6.94 -7.50
CA ILE B 17 11.93 5.47 -7.58
C ILE B 17 10.59 4.87 -7.18
N TRP B 18 10.06 5.31 -6.04
CA TRP B 18 8.70 4.96 -5.64
C TRP B 18 7.74 5.11 -6.81
N LEU B 19 7.69 6.30 -7.39
CA LEU B 19 6.80 6.56 -8.51
C LEU B 19 7.08 5.62 -9.68
N ALA B 20 8.34 5.18 -9.83
CA ALA B 20 8.71 4.29 -10.93
C ALA B 20 8.19 2.88 -10.71
N ALA B 21 8.05 2.46 -9.45
CA ALA B 21 7.65 1.11 -9.13
C ALA B 21 6.17 0.86 -9.36
N HIS B 22 5.35 1.91 -9.26
CA HIS B 22 3.90 1.73 -9.32
C HIS B 22 3.31 2.51 -10.48
N TRP B 23 3.12 3.82 -10.26
CA TRP B 23 2.61 4.75 -11.26
C TRP B 23 3.79 5.26 -12.09
N ASP B 24 4.38 4.35 -12.87
CA ASP B 24 5.61 4.65 -13.58
C ASP B 24 5.42 5.55 -14.80
N LYS B 25 4.20 5.65 -15.32
CA LYS B 25 3.92 6.45 -16.50
C LYS B 25 4.01 7.95 -16.23
N LYS B 26 4.34 8.37 -15.01
CA LYS B 26 4.56 9.76 -14.68
C LYS B 26 6.05 10.13 -14.72
N LEU B 27 6.88 9.30 -15.35
CA LEU B 27 8.30 9.57 -15.50
C LEU B 27 8.59 9.85 -16.98
N THR B 28 9.20 11.00 -17.26
CA THR B 28 9.53 11.35 -18.63
C THR B 28 10.92 10.84 -19.01
N LYS B 29 11.14 10.71 -20.32
CA LYS B 29 12.44 10.33 -20.86
C LYS B 29 13.57 11.13 -20.20
N ALA B 30 13.35 12.44 -20.01
CA ALA B 30 14.35 13.29 -19.37
C ALA B 30 14.60 12.87 -17.93
N HIS B 31 13.57 12.36 -17.24
CA HIS B 31 13.76 11.87 -15.88
C HIS B 31 14.53 10.55 -15.86
N VAL B 32 14.20 9.66 -16.80
CA VAL B 32 14.92 8.40 -16.98
C VAL B 32 16.40 8.66 -17.22
N PHE B 33 16.71 9.59 -18.15
CA PHE B 33 18.09 9.94 -18.46
C PHE B 33 18.79 10.61 -17.28
N GLU B 34 18.20 11.68 -16.77
CA GLU B 34 18.85 12.45 -15.69
C GLU B 34 19.00 11.64 -14.42
N CYS B 35 18.24 10.56 -14.25
CA CYS B 35 18.27 9.80 -13.01
C CYS B 35 19.57 9.01 -12.91
N ASN B 36 20.22 9.08 -11.75
CA ASN B 36 21.45 8.35 -11.47
C ASN B 36 21.10 7.06 -10.71
N LEU B 37 21.16 5.93 -11.41
CA LEU B 37 20.90 4.64 -10.76
C LEU B 37 21.88 4.39 -9.64
N GLU B 38 23.13 4.80 -9.81
CA GLU B 38 24.16 4.47 -8.82
C GLU B 38 23.84 5.08 -7.47
N SER B 39 23.26 6.28 -7.45
CA SER B 39 23.01 6.98 -6.20
C SER B 39 21.60 6.79 -5.68
N SER B 40 20.65 6.47 -6.58
CA SER B 40 19.36 5.94 -6.15
C SER B 40 19.53 4.66 -5.34
N VAL B 41 20.37 3.74 -5.82
CA VAL B 41 20.74 2.59 -5.01
C VAL B 41 21.38 3.03 -3.70
N GLU B 42 22.26 4.04 -3.75
CA GLU B 42 23.01 4.37 -2.55
C GLU B 42 22.09 4.80 -1.44
N SER B 43 20.89 5.26 -1.76
CA SER B 43 19.94 5.76 -0.79
C SER B 43 18.84 4.76 -0.44
N ILE B 44 18.77 3.62 -1.12
CA ILE B 44 17.99 2.47 -0.66
C ILE B 44 18.79 1.61 0.32
N ILE B 45 20.09 1.45 0.04
CA ILE B 45 20.96 0.63 0.86
C ILE B 45 21.22 1.30 2.20
N SER B 46 21.40 2.62 2.17
CA SER B 46 21.59 3.43 3.37
C SER B 46 20.41 4.38 3.48
N PRO B 47 19.28 3.91 4.02
CA PRO B 47 18.15 4.81 4.22
C PRO B 47 18.27 5.56 5.54
N LYS B 48 17.77 6.79 5.54
CA LYS B 48 17.76 7.61 6.76
C LYS B 48 16.67 7.16 7.73
N VAL B 49 15.56 6.64 7.23
CA VAL B 49 14.53 5.99 8.04
C VAL B 49 14.45 4.55 7.55
N LYS B 50 15.19 3.65 8.21
CA LYS B 50 15.25 2.27 7.75
C LYS B 50 13.83 1.73 7.59
N MET B 51 13.62 1.01 6.51
CA MET B 51 12.28 0.79 5.97
C MET B 51 11.92 -0.69 6.04
N ALA B 52 10.62 -0.95 6.07
CA ALA B 52 10.13 -2.32 5.99
C ALA B 52 10.69 -3.01 4.76
N LEU B 53 11.12 -4.27 4.91
CA LEU B 53 11.55 -5.05 3.77
C LEU B 53 10.50 -5.04 2.66
N ARG B 54 9.22 -4.88 3.01
CA ARG B 54 8.18 -4.81 2.00
C ARG B 54 8.37 -3.62 1.08
N THR B 55 8.83 -2.49 1.61
CA THR B 55 9.02 -1.32 0.75
C THR B 55 10.41 -1.25 0.13
N SER B 56 11.42 -1.86 0.75
CA SER B 56 12.71 -2.04 0.06
C SER B 56 12.54 -2.80 -1.24
N GLY B 57 11.62 -3.76 -1.29
CA GLY B 57 11.37 -4.48 -2.53
C GLY B 57 10.58 -3.66 -3.52
N HIS B 58 9.69 -2.82 -3.02
CA HIS B 58 9.02 -1.86 -3.90
C HIS B 58 10.04 -0.93 -4.54
N LEU B 59 11.04 -0.52 -3.78
CA LEU B 59 12.09 0.33 -4.33
C LEU B 59 12.97 -0.43 -5.29
N LEU B 60 13.45 -1.61 -4.87
CA LEU B 60 14.24 -2.45 -5.77
C LEU B 60 13.58 -2.59 -7.15
N LEU B 61 12.25 -2.67 -7.19
CA LEU B 61 11.59 -2.77 -8.48
C LEU B 61 11.61 -1.44 -9.22
N GLY B 62 11.43 -0.32 -8.49
CA GLY B 62 11.44 0.97 -9.14
C GLY B 62 12.77 1.26 -9.80
N VAL B 63 13.87 0.94 -9.11
CA VAL B 63 15.19 1.07 -9.72
C VAL B 63 15.25 0.29 -11.02
N VAL B 64 14.97 -1.02 -10.95
CA VAL B 64 15.15 -1.89 -12.10
C VAL B 64 14.28 -1.45 -13.27
N ARG B 65 13.13 -0.81 -12.99
CA ARG B 65 12.34 -0.22 -14.07
C ARG B 65 13.15 0.80 -14.84
N ILE B 66 13.82 1.70 -14.12
CA ILE B 66 14.59 2.78 -14.74
C ILE B 66 15.75 2.21 -15.54
N TYR B 67 16.55 1.34 -14.90
CA TYR B 67 17.59 0.61 -15.59
C TYR B 67 17.07 -0.06 -16.87
N HIS B 68 15.89 -0.68 -16.80
CA HIS B 68 15.29 -1.24 -18.00
C HIS B 68 15.03 -0.14 -19.02
N ARG B 69 14.42 0.96 -18.58
CA ARG B 69 13.99 1.99 -19.51
C ARG B 69 15.18 2.78 -20.06
N LYS B 70 16.26 2.89 -19.28
CA LYS B 70 17.50 3.43 -19.83
C LYS B 70 17.98 2.58 -20.99
N ALA B 71 18.28 1.31 -20.73
CA ALA B 71 18.59 0.37 -21.81
C ALA B 71 17.51 0.38 -22.91
N LYS B 72 16.26 0.66 -22.56
CA LYS B 72 15.23 0.67 -23.59
C LYS B 72 15.48 1.78 -24.60
N TYR B 73 15.99 2.93 -24.13
CA TYR B 73 16.26 4.07 -25.00
C TYR B 73 17.61 3.94 -25.71
N LEU B 74 18.67 3.62 -24.96
CA LEU B 74 19.99 3.38 -25.55
C LEU B 74 19.89 2.45 -26.76
N LEU B 75 19.24 1.30 -26.59
CA LEU B 75 19.10 0.35 -27.70
C LEU B 75 18.31 0.92 -28.85
N ALA B 76 17.31 1.76 -28.57
CA ALA B 76 16.66 2.47 -29.66
C ALA B 76 17.64 3.41 -30.34
N ASP B 77 18.34 4.24 -29.56
CA ASP B 77 19.31 5.16 -30.14
C ASP B 77 20.40 4.41 -30.89
N CYS B 78 20.97 3.38 -30.25
CA CYS B 78 22.05 2.62 -30.86
C CYS B 78 21.68 2.01 -32.21
N ASN B 79 20.41 1.85 -32.52
CA ASN B 79 20.09 1.32 -33.84
C ASN B 79 20.03 2.41 -34.89
N GLU B 80 19.45 3.56 -34.56
CA GLU B 80 19.47 4.68 -35.49
C GLU B 80 20.90 5.06 -35.82
N ALA B 81 21.77 5.08 -34.81
CA ALA B 81 23.19 5.31 -35.06
C ALA B 81 23.78 4.30 -36.04
N PHE B 82 23.31 3.06 -36.01
CA PHE B 82 23.83 2.06 -36.94
C PHE B 82 23.29 2.26 -38.35
N ILE B 83 21.98 2.50 -38.48
CA ILE B 83 21.40 2.62 -39.82
C ILE B 83 21.73 3.96 -40.46
N LYS B 84 22.06 4.99 -39.67
CA LYS B 84 22.43 6.28 -40.23
C LYS B 84 23.79 6.21 -40.92
N ILE B 85 24.75 5.49 -40.34
CA ILE B 85 26.06 5.40 -40.97
C ILE B 85 26.14 4.23 -41.95
N LYS B 86 25.38 3.16 -41.73
CA LYS B 86 25.28 2.12 -42.72
C LYS B 86 24.67 2.62 -44.03
N MET B 87 24.03 3.79 -43.99
CA MET B 87 23.32 4.36 -45.13
C MET B 87 24.24 5.18 -46.03
N ALA B 88 24.90 6.19 -45.46
CA ALA B 88 25.82 7.04 -46.21
C ALA B 88 27.07 6.30 -46.70
N PHE B 89 27.19 5.01 -46.41
CA PHE B 89 28.45 4.31 -46.58
C PHE B 89 28.31 2.98 -47.34
MG MG C . -22.48 -6.07 11.29
PG AGS D . -25.12 -4.96 13.42
S1G AGS D . -25.12 -3.67 14.86
O2G AGS D . -23.56 -5.23 12.90
O3G AGS D . -25.87 -6.31 13.93
PB AGS D . -25.37 -3.53 11.02
O1B AGS D . -25.44 -2.11 11.51
O2B AGS D . -23.97 -4.00 10.86
O3B AGS D . -26.04 -4.44 12.19
PA AGS D . -25.52 -4.48 8.38
O1A AGS D . -24.76 -3.36 7.69
O2A AGS D . -24.61 -5.63 8.79
O3A AGS D . -26.18 -3.71 9.64
O5' AGS D . -26.72 -4.96 7.34
C5' AGS D . -27.95 -4.27 7.58
C4' AGS D . -29.10 -4.92 6.82
O4' AGS D . -28.70 -5.14 5.60
C3' AGS D . -29.50 -6.37 7.42
O3' AGS D . -30.80 -6.44 7.77
C2' AGS D . -29.18 -7.34 6.27
O2' AGS D . -30.07 -8.52 6.33
C1' AGS D . -29.40 -6.57 5.19
N9 AGS D . -28.77 -7.04 4.01
C8 AGS D . -27.64 -7.73 3.94
N7 AGS D . -27.37 -7.99 2.66
C5 AGS D . -28.33 -7.46 1.89
C6 AGS D . -28.59 -7.41 0.52
N6 AGS D . -27.67 -8.04 -0.39
N1 AGS D . -29.69 -6.80 0.08
C2 AGS D . -30.53 -6.23 0.93
N3 AGS D . -30.29 -6.26 2.23
C4 AGS D . -29.22 -6.86 2.75
#